data_3V0X
#
_entry.id   3V0X
#
_cell.length_a   54.494
_cell.length_b   57.478
_cell.length_c   67.003
_cell.angle_alpha   90.00
_cell.angle_beta   90.00
_cell.angle_gamma   90.00
#
_symmetry.space_group_name_H-M   'P 21 21 21'
#
loop_
_entity.id
_entity.type
_entity.pdbx_description
1 polymer 'Cationic trypsin'
2 non-polymer 'CALCIUM ION'
3 non-polymer 'METHYL N-[(4-METHYLPHENYL)SULFONYL]GLYCYL-3-[AMINO(IMINO)METHYL]-D-PHENYLALANINATE'
4 non-polymer GLYCEROL
5 water water
#
_entity_poly.entity_id   1
_entity_poly.type   'polypeptide(L)'
_entity_poly.pdbx_seq_one_letter_code
;IVGGYTCGANTVPYQVSLNSGYHFCGGSLINSQWVVSAAHCYKSGIQVRLGEDNINVVEGNEQFISASKSIVHPSYNSET
YNNDIMLIKLKSAASL(DSG)SRVASISLPTSCASAGTQCLISGWGNTKSSGTSYPDVLKCLKAPILSDSSCKSASSFII
TSNMFCVGYLEGGKDACQGDSGGPVVCSGKLQGIVSWGEGCAQKNKPGFYTKVCNYVSWIKQTIASN
;
_entity_poly.pdbx_strand_id   A
#
loop_
_chem_comp.id
_chem_comp.type
_chem_comp.name
_chem_comp.formula
ANH non-polymer 'METHYL N-[(4-METHYLPHENYL)SULFONYL]GLYCYL-3-[AMINO(IMINO)METHYL]-D-PHENYLALANINATE' 'C20 H24 N4 O5 S'
CA non-polymer 'CALCIUM ION' 'Ca 2'
GOL non-polymer GLYCEROL 'C3 H8 O3'
#
# COMPACT_ATOMS: atom_id res chain seq x y z
N ILE A 1 -5.07 4.61 -8.69
CA ILE A 1 -6.46 4.53 -8.11
C ILE A 1 -7.49 4.95 -9.16
N VAL A 2 -8.45 4.07 -9.42
CA VAL A 2 -9.51 4.27 -10.37
C VAL A 2 -10.77 4.62 -9.58
N GLY A 3 -11.46 5.71 -9.96
CA GLY A 3 -12.76 6.01 -9.35
C GLY A 3 -12.66 6.69 -8.00
N GLY A 4 -11.45 7.15 -7.64
CA GLY A 4 -11.22 7.83 -6.38
C GLY A 4 -11.21 9.34 -6.54
N TYR A 5 -10.52 10.02 -5.64
CA TYR A 5 -10.50 11.49 -5.63
C TYR A 5 -9.10 11.97 -5.28
N THR A 6 -8.80 13.23 -5.60
CA THR A 6 -7.54 13.84 -5.18
C THR A 6 -7.50 13.99 -3.65
N CYS A 7 -6.53 13.38 -2.99
CA CYS A 7 -6.49 13.39 -1.52
C CYS A 7 -6.41 14.81 -0.95
N GLY A 8 -5.55 15.63 -1.54
CA GLY A 8 -5.09 16.90 -0.93
C GLY A 8 -3.69 16.74 -0.39
N ALA A 9 -2.80 17.71 -0.66
CA ALA A 9 -1.40 17.68 -0.23
C ALA A 9 -1.25 17.28 1.22
N ASN A 10 -0.50 16.19 1.44
CA ASN A 10 -0.14 15.71 2.76
C ASN A 10 -1.27 15.36 3.72
N THR A 11 -2.43 15.00 3.18
CA THR A 11 -3.54 14.55 4.01
C THR A 11 -3.42 13.08 4.43
N VAL A 12 -2.51 12.36 3.75
CA VAL A 12 -2.20 10.95 4.04
C VAL A 12 -0.71 10.94 4.38
N PRO A 13 -0.32 11.39 5.58
CA PRO A 13 1.10 11.68 5.83
C PRO A 13 2.03 10.46 6.01
N TYR A 14 1.45 9.27 6.09
CA TYR A 14 2.19 8.02 6.16
C TYR A 14 2.43 7.42 4.77
N GLN A 15 1.84 8.00 3.74
CA GLN A 15 2.04 7.53 2.37
C GLN A 15 3.45 7.84 1.84
N VAL A 16 4.14 6.81 1.37
CA VAL A 16 5.44 7.03 0.75
C VAL A 16 5.39 6.64 -0.75
N SER A 17 6.27 7.25 -1.54
CA SER A 17 6.49 6.77 -2.91
C SER A 17 7.85 6.12 -2.93
N LEU A 18 7.91 4.94 -3.51
CA LEU A 18 9.22 4.32 -3.76
C LEU A 18 9.73 4.70 -5.17
N ASN A 19 10.98 5.16 -5.24
CA ASN A 19 11.53 5.73 -6.49
C ASN A 19 12.85 5.02 -6.87
N SER A 20 12.96 4.56 -8.12
CA SER A 20 14.22 4.04 -8.64
C SER A 20 14.56 4.84 -9.90
N GLY A 21 14.47 6.17 -9.79
CA GLY A 21 14.55 7.10 -10.90
C GLY A 21 13.20 7.51 -11.48
N TYR A 22 12.14 6.87 -10.99
CA TYR A 22 10.75 7.15 -11.28
C TYR A 22 9.96 6.44 -10.15
N HIS A 23 8.78 6.95 -9.84
CA HIS A 23 7.84 6.21 -8.97
C HIS A 23 7.50 4.81 -9.52
N PHE A 24 7.60 3.79 -8.68
CA PHE A 24 7.20 2.47 -9.10
C PHE A 24 6.26 1.76 -8.09
N CYS A 25 6.22 2.21 -6.84
CA CYS A 25 5.34 1.57 -5.84
C CYS A 25 5.14 2.52 -4.69
N GLY A 26 4.11 2.24 -3.90
CA GLY A 26 3.83 2.99 -2.68
C GLY A 26 4.39 2.20 -1.51
N GLY A 27 4.18 2.73 -0.30
CA GLY A 27 4.69 2.15 0.95
C GLY A 27 4.06 2.95 2.06
N SER A 28 4.19 2.47 3.28
CA SER A 28 3.57 3.12 4.45
C SER A 28 4.66 3.30 5.49
N LEU A 29 4.80 4.51 6.02
CA LEU A 29 5.77 4.79 7.07
C LEU A 29 5.21 4.28 8.40
N ILE A 30 5.85 3.30 9.02
CA ILE A 30 5.40 2.73 10.32
C ILE A 30 6.13 3.25 11.55
N ASN A 31 7.31 3.84 11.33
CA ASN A 31 7.97 4.65 12.31
C ASN A 31 9.06 5.43 11.59
N SER A 32 9.94 6.10 12.32
CA SER A 32 10.84 7.08 11.69
C SER A 32 11.89 6.40 10.81
N GLN A 33 12.08 5.10 10.98
CA GLN A 33 13.13 4.44 10.22
C GLN A 33 12.67 3.34 9.28
N TRP A 34 11.37 3.06 9.24
CA TRP A 34 10.87 1.84 8.56
C TRP A 34 9.63 2.07 7.73
N VAL A 35 9.64 1.46 6.54
CA VAL A 35 8.51 1.51 5.60
C VAL A 35 8.06 0.08 5.37
N VAL A 36 6.74 -0.13 5.33
CA VAL A 36 6.13 -1.41 4.93
C VAL A 36 5.62 -1.25 3.50
N SER A 37 5.92 -2.22 2.65
CA SER A 37 5.44 -2.24 1.26
C SER A 37 5.15 -3.67 0.87
N ALA A 38 4.96 -3.92 -0.42
CA ALA A 38 4.74 -5.25 -0.92
C ALA A 38 6.05 -5.88 -1.32
N ALA A 39 6.19 -7.18 -1.05
CA ALA A 39 7.33 -7.95 -1.51
C ALA A 39 7.48 -7.91 -3.02
N HIS A 40 6.38 -7.89 -3.77
CA HIS A 40 6.47 -7.79 -5.24
C HIS A 40 6.98 -6.42 -5.70
N CYS A 41 7.04 -5.46 -4.78
CA CYS A 41 7.74 -4.19 -5.08
C CYS A 41 9.25 -4.24 -4.84
N TYR A 42 9.76 -5.36 -4.36
CA TYR A 42 11.21 -5.48 -4.13
C TYR A 42 12.04 -5.04 -5.36
N LYS A 43 13.00 -4.17 -5.13
CA LYS A 43 14.08 -3.97 -6.09
C LYS A 43 15.27 -3.30 -5.44
N SER A 44 16.42 -3.38 -6.11
CA SER A 44 17.63 -2.74 -5.62
C SER A 44 17.58 -1.24 -5.87
N GLY A 45 18.30 -0.46 -5.07
CA GLY A 45 18.48 0.98 -5.35
C GLY A 45 17.20 1.80 -5.17
N ILE A 46 16.53 1.58 -4.04
CA ILE A 46 15.27 2.28 -3.75
C ILE A 46 15.59 3.55 -2.99
N GLN A 47 14.95 4.64 -3.39
CA GLN A 47 14.93 5.83 -2.59
C GLN A 47 13.51 6.04 -2.13
N VAL A 48 13.36 6.21 -0.82
CA VAL A 48 12.04 6.42 -0.27
C VAL A 48 11.75 7.93 -0.28
N ARG A 49 10.58 8.32 -0.74
CA ARG A 49 10.21 9.75 -0.79
C ARG A 49 8.97 9.97 0.06
N LEU A 50 9.15 10.75 1.13
CA LEU A 50 8.10 11.03 2.14
C LEU A 50 7.64 12.45 1.92
N GLY A 51 6.46 12.78 2.44
CA GLY A 51 6.00 14.18 2.37
C GLY A 51 5.61 14.59 0.98
N GLU A 52 5.39 13.61 0.11
CA GLU A 52 5.01 13.87 -1.29
C GLU A 52 3.54 14.16 -1.53
N ASP A 53 3.27 15.14 -2.38
CA ASP A 53 1.97 15.17 -3.04
C ASP A 53 2.22 15.05 -4.52
N ASN A 54 2.63 16.14 -5.17
CA ASN A 54 3.00 16.02 -6.59
C ASN A 54 4.38 15.38 -6.70
N ILE A 55 4.44 14.17 -7.28
CA ILE A 55 5.73 13.43 -7.33
C ILE A 55 6.68 13.97 -8.40
N ASN A 56 6.20 14.91 -9.21
CA ASN A 56 7.02 15.55 -10.24
C ASN A 56 7.47 16.98 -9.93
N VAL A 57 7.08 17.48 -8.77
CA VAL A 57 7.41 18.86 -8.39
C VAL A 57 7.88 18.89 -6.95
N VAL A 58 9.02 19.53 -6.72
CA VAL A 58 9.45 19.77 -5.34
C VAL A 58 8.59 20.87 -4.74
N GLU A 59 7.74 20.49 -3.79
CA GLU A 59 6.76 21.40 -3.20
C GLU A 59 7.13 21.97 -1.84
N GLY A 60 8.21 21.46 -1.24
CA GLY A 60 8.71 22.00 0.01
C GLY A 60 8.52 21.16 1.27
N ASN A 61 7.79 20.03 1.19
CA ASN A 61 7.62 19.17 2.37
C ASN A 61 8.24 17.76 2.26
N GLU A 62 8.97 17.53 1.15
CA GLU A 62 9.60 16.22 0.85
C GLU A 62 10.75 15.89 1.77
N GLN A 63 10.89 14.59 2.07
CA GLN A 63 12.15 14.06 2.56
C GLN A 63 12.49 12.87 1.67
N PHE A 64 13.64 12.92 1.00
CA PHE A 64 14.10 11.78 0.23
C PHE A 64 15.20 11.08 1.03
N ILE A 65 15.04 9.79 1.29
CA ILE A 65 16.03 9.05 2.04
C ILE A 65 16.25 7.70 1.36
N SER A 66 17.50 7.32 1.17
CA SER A 66 17.85 6.02 0.58
C SER A 66 17.54 4.86 1.51
N ALA A 67 17.13 3.73 0.90
CA ALA A 67 16.95 2.50 1.67
C ALA A 67 18.31 1.98 2.07
N SER A 68 18.48 1.57 3.32
CA SER A 68 19.72 0.88 3.72
C SER A 68 19.61 -0.65 3.61
N LYS A 69 18.41 -1.19 3.80
CA LYS A 69 18.18 -2.63 3.77
C LYS A 69 16.73 -2.85 3.39
N SER A 70 16.47 -3.91 2.63
CA SER A 70 15.12 -4.37 2.32
C SER A 70 15.02 -5.80 2.87
N ILE A 71 13.86 -6.14 3.43
CA ILE A 71 13.61 -7.50 3.95
C ILE A 71 12.28 -7.96 3.44
N VAL A 72 12.32 -8.81 2.43
CA VAL A 72 11.13 -9.44 1.91
C VAL A 72 10.69 -10.51 2.91
N HIS A 73 9.39 -10.71 3.09
CA HIS A 73 8.93 -11.72 4.04
C HIS A 73 9.64 -13.07 3.77
N PRO A 74 10.02 -13.80 4.84
CA PRO A 74 10.74 -15.07 4.60
C PRO A 74 9.95 -16.11 3.77
N SER A 75 8.62 -16.03 3.79
CA SER A 75 7.78 -17.00 3.06
C SER A 75 7.07 -16.42 1.85
N TYR A 76 7.53 -15.27 1.36
CA TYR A 76 6.90 -14.71 0.18
C TYR A 76 6.94 -15.68 -0.97
N ASN A 77 5.78 -15.92 -1.57
CA ASN A 77 5.71 -16.75 -2.77
C ASN A 77 5.19 -15.92 -3.92
N SER A 78 6.07 -15.61 -4.87
CA SER A 78 5.70 -14.82 -6.01
C SER A 78 4.71 -15.51 -6.95
N GLU A 79 4.64 -16.84 -6.87
CA GLU A 79 3.72 -17.56 -7.71
C GLU A 79 2.26 -17.31 -7.25
N THR A 80 2.06 -17.41 -5.94
CA THR A 80 0.70 -17.30 -5.35
C THR A 80 0.39 -15.91 -4.75
N TYR A 81 1.43 -15.07 -4.67
CA TYR A 81 1.40 -13.79 -3.92
C TYR A 81 1.12 -13.92 -2.43
N ASN A 82 1.29 -15.13 -1.90
CA ASN A 82 1.08 -15.28 -0.48
C ASN A 82 2.24 -14.64 0.28
N ASN A 83 1.91 -13.95 1.39
CA ASN A 83 2.91 -13.23 2.18
C ASN A 83 3.57 -12.08 1.40
N ASP A 84 2.73 -11.32 0.70
CA ASP A 84 3.23 -10.20 -0.09
C ASP A 84 3.49 -8.98 0.77
N ILE A 85 4.61 -8.98 1.49
CA ILE A 85 4.94 -7.90 2.40
C ILE A 85 6.46 -7.80 2.48
N MET A 86 6.96 -6.57 2.59
CA MET A 86 8.39 -6.32 2.66
C MET A 86 8.62 -5.14 3.62
N LEU A 87 9.72 -5.16 4.33
CA LEU A 87 10.14 -4.03 5.17
C LEU A 87 11.36 -3.37 4.53
N ILE A 88 11.38 -2.03 4.55
CA ILE A 88 12.50 -1.24 4.01
C ILE A 88 12.98 -0.37 5.15
N LYS A 89 14.25 -0.52 5.51
CA LYS A 89 14.84 0.37 6.50
C LYS A 89 15.46 1.62 5.83
N LEU A 90 15.22 2.79 6.44
CA LEU A 90 15.79 4.04 5.94
C LEU A 90 17.21 4.23 6.46
N LYS A 91 18.05 4.78 5.59
CA LYS A 91 19.45 5.08 5.91
C LYS A 91 19.60 6.04 7.10
N SER A 92 18.65 6.93 7.25
CA SER A 92 18.59 7.85 8.36
C SER A 92 17.12 8.03 8.74
N ALA A 93 16.86 8.37 10.01
CA ALA A 93 15.52 8.50 10.49
C ALA A 93 14.81 9.70 9.85
N ALA A 94 13.53 9.50 9.50
CA ALA A 94 12.73 10.60 8.94
C ALA A 94 12.46 11.59 10.06
N SER A 95 12.25 12.84 9.69
CA SER A 95 11.86 13.83 10.67
C SER A 95 10.32 13.89 10.68
N LEU A 96 9.72 13.46 11.78
CA LEU A 96 8.26 13.37 11.86
C LEU A 96 7.66 14.69 12.34
N DSG A 97 6.55 15.07 11.70
CA DSG A 97 5.86 16.40 11.71
C DSG A 97 4.40 16.23 11.17
O DSG A 97 4.04 15.11 10.90
CB DSG A 97 5.94 17.04 13.08
CG DSG A 97 5.09 16.34 14.12
OD1 DSG A 97 5.07 15.11 14.23
ND2 DSG A 97 4.37 17.14 14.89
N SER A 98 3.58 17.27 11.00
CA SER A 98 2.20 17.03 10.54
C SER A 98 2.12 16.39 9.15
N ARG A 99 3.09 16.69 8.28
CA ARG A 99 3.00 16.23 6.88
C ARG A 99 3.70 14.92 6.62
N VAL A 100 4.51 14.49 7.60
CA VAL A 100 5.23 13.22 7.53
C VAL A 100 5.00 12.58 8.88
N ALA A 101 4.22 11.49 8.88
CA ALA A 101 3.72 10.88 10.11
C ALA A 101 3.65 9.40 9.94
N SER A 102 3.90 8.63 11.02
CA SER A 102 3.77 7.19 10.90
C SER A 102 2.34 6.72 11.04
N ILE A 103 2.06 5.52 10.54
CA ILE A 103 0.75 4.91 10.74
C ILE A 103 0.96 3.70 11.68
N SER A 104 0.02 3.50 12.62
CA SER A 104 0.08 2.40 13.59
C SER A 104 -0.21 1.05 12.97
N LEU A 105 0.45 0.01 13.46
CA LEU A 105 0.09 -1.36 13.15
C LEU A 105 -1.18 -1.73 13.90
N PRO A 106 -2.02 -2.61 13.30
CA PRO A 106 -3.26 -3.00 13.95
C PRO A 106 -3.02 -3.98 15.11
N THR A 107 -3.93 -4.02 16.07
CA THR A 107 -3.83 -5.02 17.13
C THR A 107 -4.87 -6.13 16.93
N SER A 108 -5.80 -5.91 16.00
CA SER A 108 -6.75 -6.92 15.57
C SER A 108 -7.03 -6.75 14.09
N CYS A 109 -7.46 -7.82 13.45
CA CYS A 109 -7.90 -7.77 12.08
C CYS A 109 -9.22 -7.00 11.96
N ALA A 110 -9.36 -6.20 10.90
CA ALA A 110 -10.55 -5.39 10.70
C ALA A 110 -11.76 -6.24 10.22
N SER A 111 -12.97 -5.74 10.43
CA SER A 111 -14.18 -6.52 10.09
C SER A 111 -14.75 -6.27 8.68
N ALA A 112 -15.43 -7.27 8.14
CA ALA A 112 -16.18 -7.13 6.88
C ALA A 112 -17.14 -5.93 6.91
N GLY A 113 -17.17 -5.15 5.84
CA GLY A 113 -18.02 -3.94 5.80
C GLY A 113 -17.37 -2.67 6.30
N THR A 114 -16.21 -2.79 6.95
CA THR A 114 -15.48 -1.59 7.41
C THR A 114 -14.99 -0.79 6.21
N GLN A 115 -15.24 0.53 6.22
CA GLN A 115 -14.69 1.43 5.21
C GLN A 115 -13.23 1.72 5.48
N CYS A 116 -12.41 1.57 4.44
CA CYS A 116 -10.98 1.80 4.53
C CYS A 116 -10.55 2.87 3.53
N LEU A 117 -9.37 3.45 3.74
CA LEU A 117 -8.80 4.40 2.83
C LEU A 117 -7.62 3.74 2.09
N ILE A 118 -7.69 3.71 0.76
CA ILE A 118 -6.60 3.19 -0.09
C ILE A 118 -6.07 4.38 -0.84
N SER A 119 -4.75 4.46 -1.01
CA SER A 119 -4.16 5.66 -1.66
C SER A 119 -2.95 5.31 -2.51
N GLY A 120 -2.72 6.10 -3.55
CA GLY A 120 -1.52 5.93 -4.35
C GLY A 120 -1.46 6.81 -5.58
N TRP A 121 -0.34 6.68 -6.29
CA TRP A 121 -0.10 7.42 -7.53
C TRP A 121 -0.24 6.53 -8.77
N GLY A 122 -0.99 5.45 -8.64
CA GLY A 122 -1.19 4.52 -9.74
C GLY A 122 -2.18 4.95 -10.80
N ASN A 123 -2.26 4.12 -11.84
CA ASN A 123 -3.10 4.37 -13.01
C ASN A 123 -4.54 4.71 -12.56
N THR A 124 -5.13 5.76 -13.13
CA THR A 124 -6.52 6.15 -12.80
C THR A 124 -7.59 5.63 -13.79
N LYS A 125 -7.21 4.81 -14.76
CA LYS A 125 -8.16 4.27 -15.78
C LYS A 125 -8.32 2.76 -15.74
N SER A 126 -9.55 2.26 -15.81
CA SER A 126 -9.80 0.81 -15.90
C SER A 126 -9.42 0.22 -17.27
N SER A 127 -9.47 1.07 -18.28
CA SER A 127 -8.97 0.71 -19.61
C SER A 127 -8.15 1.85 -20.17
N GLY A 128 -6.96 1.53 -20.65
CA GLY A 128 -6.02 2.57 -21.02
C GLY A 128 -5.21 2.99 -19.82
N THR A 129 -4.49 4.11 -19.93
CA THR A 129 -3.56 4.53 -18.87
C THR A 129 -3.49 6.03 -18.72
N SER A 130 -3.49 6.49 -17.47
CA SER A 130 -3.21 7.87 -17.17
C SER A 130 -2.65 7.86 -15.78
N TYR A 131 -1.49 8.44 -15.61
CA TYR A 131 -0.88 8.44 -14.29
C TYR A 131 -0.91 9.83 -13.68
N PRO A 132 -1.49 9.93 -12.47
CA PRO A 132 -1.59 11.18 -11.79
C PRO A 132 -0.24 11.59 -11.19
N ASP A 133 -0.05 12.88 -11.05
CA ASP A 133 1.12 13.43 -10.39
C ASP A 133 0.83 13.69 -8.92
N VAL A 134 -0.44 13.95 -8.57
CA VAL A 134 -0.81 14.10 -7.16
C VAL A 134 -1.43 12.82 -6.57
N LEU A 135 -1.39 12.71 -5.25
CA LEU A 135 -1.88 11.51 -4.56
C LEU A 135 -3.40 11.34 -4.72
N LYS A 136 -3.82 10.15 -5.12
CA LYS A 136 -5.25 9.80 -5.18
C LYS A 136 -5.71 8.89 -4.03
N CYS A 137 -7.01 8.99 -3.72
CA CYS A 137 -7.61 8.38 -2.54
C CYS A 137 -8.88 7.68 -2.95
N LEU A 138 -9.18 6.58 -2.26
CA LEU A 138 -10.40 5.82 -2.49
C LEU A 138 -10.86 5.30 -1.15
N LYS A 139 -12.14 5.54 -0.84
CA LYS A 139 -12.79 4.91 0.32
C LYS A 139 -13.58 3.69 -0.18
N ALA A 140 -13.37 2.54 0.46
CA ALA A 140 -13.96 1.27 0.04
C ALA A 140 -14.07 0.29 1.20
N PRO A 141 -15.11 -0.56 1.16
CA PRO A 141 -15.34 -1.45 2.29
C PRO A 141 -14.63 -2.78 2.12
N ILE A 142 -14.25 -3.37 3.25
CA ILE A 142 -13.75 -4.75 3.25
C ILE A 142 -14.89 -5.68 2.87
N LEU A 143 -14.60 -6.59 1.94
CA LEU A 143 -15.61 -7.52 1.48
C LEU A 143 -15.69 -8.73 2.37
N SER A 144 -16.84 -9.41 2.32
CA SER A 144 -17.00 -10.65 3.07
C SER A 144 -16.00 -11.68 2.59
N ASP A 145 -15.61 -12.57 3.48
CA ASP A 145 -14.79 -13.70 3.11
C ASP A 145 -15.36 -14.45 1.92
N SER A 146 -16.67 -14.74 1.96
CA SER A 146 -17.27 -15.55 0.90
C SER A 146 -17.25 -14.84 -0.45
N SER A 147 -17.47 -13.52 -0.46
CA SER A 147 -17.44 -12.81 -1.74
C SER A 147 -15.99 -12.56 -2.22
N CYS A 148 -15.05 -12.42 -1.29
CA CYS A 148 -13.62 -12.35 -1.62
C CYS A 148 -13.16 -13.71 -2.19
N LYS A 149 -13.48 -14.80 -1.48
CA LYS A 149 -13.09 -16.16 -1.91
C LYS A 149 -13.52 -16.55 -3.32
N SER A 150 -14.69 -16.08 -3.74
CA SER A 150 -15.21 -16.39 -5.08
C SER A 150 -14.93 -15.25 -6.05
N ALA A 151 -14.04 -14.35 -5.64
CA ALA A 151 -13.73 -13.18 -6.45
C ALA A 151 -12.69 -13.46 -7.53
N SER A 152 -12.02 -14.61 -7.47
CA SER A 152 -11.00 -14.92 -8.48
C SER A 152 -10.93 -16.39 -8.88
N SER A 153 -10.43 -16.63 -10.09
CA SER A 153 -10.10 -17.99 -10.55
C SER A 153 -8.78 -18.50 -9.94
N PHE A 154 -8.01 -17.61 -9.33
CA PHE A 154 -6.75 -17.97 -8.64
C PHE A 154 -6.98 -18.27 -7.16
N ILE A 155 -6.00 -18.85 -6.47
CA ILE A 155 -6.18 -19.15 -5.03
C ILE A 155 -5.98 -17.95 -4.13
N ILE A 156 -6.84 -17.84 -3.12
CA ILE A 156 -6.88 -16.72 -2.19
C ILE A 156 -6.61 -17.32 -0.82
N THR A 157 -5.57 -16.85 -0.14
CA THR A 157 -5.18 -17.39 1.15
C THR A 157 -5.71 -16.56 2.29
N SER A 158 -5.63 -17.07 3.50
CA SER A 158 -6.00 -16.31 4.68
C SER A 158 -5.06 -15.14 5.03
N ASN A 159 -4.03 -14.93 4.20
CA ASN A 159 -3.18 -13.75 4.35
C ASN A 159 -3.56 -12.62 3.40
N MET A 160 -4.69 -12.80 2.73
CA MET A 160 -5.21 -11.82 1.75
C MET A 160 -6.61 -11.42 2.15
N PHE A 161 -7.02 -10.21 1.82
CA PHE A 161 -8.42 -9.82 1.98
C PHE A 161 -8.84 -8.90 0.87
N CYS A 162 -10.15 -8.74 0.68
CA CYS A 162 -10.64 -7.96 -0.47
C CYS A 162 -11.28 -6.69 0.04
N VAL A 163 -11.06 -5.62 -0.71
CA VAL A 163 -11.65 -4.32 -0.40
C VAL A 163 -12.07 -3.78 -1.74
N GLY A 164 -13.28 -3.21 -1.80
CA GLY A 164 -13.70 -2.56 -3.03
C GLY A 164 -15.16 -2.77 -3.32
N TYR A 165 -15.45 -2.89 -4.63
CA TYR A 165 -16.82 -2.88 -5.15
C TYR A 165 -16.98 -3.90 -6.27
N LEU A 166 -17.90 -4.84 -6.12
CA LEU A 166 -18.04 -5.89 -7.14
C LEU A 166 -18.72 -5.35 -8.41
N GLU A 167 -19.46 -4.27 -8.25
CA GLU A 167 -20.04 -3.58 -9.40
C GLU A 167 -18.99 -2.97 -10.34
N GLY A 168 -17.78 -2.73 -9.84
CA GLY A 168 -16.71 -2.15 -10.66
C GLY A 168 -16.60 -0.64 -10.56
N GLY A 169 -15.56 -0.11 -11.18
CA GLY A 169 -15.37 1.32 -11.30
C GLY A 169 -14.51 1.95 -10.22
N LYS A 170 -14.24 1.21 -9.15
CA LYS A 170 -13.50 1.75 -8.02
C LYS A 170 -12.56 0.68 -7.50
N ASP A 171 -11.26 0.98 -7.53
CA ASP A 171 -10.23 -0.02 -7.25
C ASP A 171 -8.83 0.61 -7.20
N ALA A 172 -7.88 -0.12 -6.59
CA ALA A 172 -6.46 0.25 -6.79
C ALA A 172 -6.01 -0.25 -8.18
N CYS A 173 -4.87 0.24 -8.66
CA CYS A 173 -4.39 -0.15 -10.00
C CYS A 173 -2.85 -0.15 -10.10
N GLN A 174 -2.30 -0.39 -11.31
CA GLN A 174 -0.85 -0.46 -11.52
C GLN A 174 -0.17 0.77 -10.93
N GLY A 175 0.89 0.58 -10.14
CA GLY A 175 1.57 1.77 -9.53
C GLY A 175 1.12 2.13 -8.11
N ASP A 176 0.00 1.55 -7.68
CA ASP A 176 -0.50 1.71 -6.30
C ASP A 176 0.06 0.61 -5.42
N SER A 177 0.55 -0.45 -6.05
CA SER A 177 1.15 -1.58 -5.31
C SER A 177 2.04 -1.15 -4.16
N GLY A 178 1.98 -1.88 -3.05
CA GLY A 178 2.84 -1.59 -1.89
C GLY A 178 2.23 -0.55 -0.96
N GLY A 179 1.29 0.24 -1.47
CA GLY A 179 0.69 1.29 -0.65
C GLY A 179 -0.30 0.83 0.41
N PRO A 180 -0.79 1.77 1.21
CA PRO A 180 -1.65 1.51 2.40
C PRO A 180 -3.13 1.28 2.14
N VAL A 181 -3.72 0.43 2.99
CA VAL A 181 -5.14 0.39 3.22
C VAL A 181 -5.28 0.62 4.72
N VAL A 182 -5.92 1.73 5.09
CA VAL A 182 -6.06 2.12 6.47
C VAL A 182 -7.53 2.03 6.87
N CYS A 183 -7.79 1.28 7.94
CA CYS A 183 -9.13 1.06 8.45
C CYS A 183 -9.03 1.20 9.97
N SER A 184 -10.00 1.91 10.55
CA SER A 184 -10.05 2.13 11.98
C SER A 184 -8.77 2.79 12.51
N GLY A 185 -8.16 3.64 11.67
CA GLY A 185 -6.94 4.36 12.04
C GLY A 185 -5.66 3.52 12.08
N LYS A 186 -5.69 2.32 11.53
CA LYS A 186 -4.49 1.45 11.55
C LYS A 186 -4.20 0.94 10.14
N LEU A 187 -2.96 0.54 9.90
CA LEU A 187 -2.60 -0.11 8.64
C LEU A 187 -3.09 -1.56 8.56
N GLN A 188 -4.18 -1.79 7.82
CA GLN A 188 -4.77 -3.12 7.77
C GLN A 188 -4.40 -3.86 6.49
N GLY A 189 -4.02 -3.13 5.45
CA GLY A 189 -3.71 -3.80 4.16
C GLY A 189 -2.57 -3.17 3.38
N ILE A 190 -2.02 -3.94 2.46
CA ILE A 190 -1.01 -3.47 1.52
C ILE A 190 -1.57 -3.79 0.15
N VAL A 191 -1.54 -2.83 -0.77
CA VAL A 191 -1.98 -3.07 -2.14
C VAL A 191 -1.15 -4.21 -2.74
N SER A 192 -1.83 -5.30 -3.08
CA SER A 192 -1.12 -6.53 -3.48
C SER A 192 -1.36 -6.94 -4.93
N TRP A 193 -2.59 -7.33 -5.27
CA TRP A 193 -2.86 -7.74 -6.66
C TRP A 193 -4.31 -7.60 -7.06
N GLY A 194 -4.56 -7.78 -8.35
CA GLY A 194 -5.93 -7.81 -8.86
C GLY A 194 -5.91 -8.27 -10.30
N GLU A 195 -7.08 -8.52 -10.86
CA GLU A 195 -7.18 -8.81 -12.31
C GLU A 195 -7.62 -7.55 -13.03
N GLY A 196 -6.70 -6.92 -13.75
CA GLY A 196 -6.94 -5.56 -14.24
C GLY A 196 -7.20 -4.67 -13.05
N CYS A 197 -7.97 -3.60 -13.27
CA CYS A 197 -8.37 -2.69 -12.22
C CYS A 197 -9.83 -2.31 -12.44
N ALA A 198 -10.58 -2.29 -11.36
CA ALA A 198 -11.94 -1.76 -11.36
C ALA A 198 -12.89 -2.52 -12.30
N GLN A 199 -12.54 -3.77 -12.60
CA GLN A 199 -13.37 -4.65 -13.40
C GLN A 199 -14.53 -5.22 -12.58
N LYS A 200 -15.68 -5.35 -13.22
CA LYS A 200 -16.84 -5.95 -12.57
C LYS A 200 -16.47 -7.31 -12.04
N ASN A 201 -16.86 -7.56 -10.79
CA ASN A 201 -16.66 -8.84 -10.12
C ASN A 201 -15.21 -9.16 -9.81
N LYS A 202 -14.33 -8.19 -10.04
CA LYS A 202 -12.90 -8.44 -9.85
C LYS A 202 -12.28 -7.40 -8.90
N PRO A 203 -12.48 -7.59 -7.58
CA PRO A 203 -12.07 -6.59 -6.62
C PRO A 203 -10.55 -6.67 -6.36
N GLY A 204 -10.04 -5.72 -5.58
CA GLY A 204 -8.62 -5.71 -5.24
C GLY A 204 -8.33 -6.69 -4.13
N PHE A 205 -7.18 -7.33 -4.20
CA PHE A 205 -6.67 -8.16 -3.11
C PHE A 205 -5.51 -7.50 -2.39
N TYR A 206 -5.46 -7.68 -1.07
CA TYR A 206 -4.60 -6.88 -0.22
C TYR A 206 -3.95 -7.81 0.78
N THR A 207 -2.65 -7.61 1.05
CA THR A 207 -1.99 -8.37 2.13
C THR A 207 -2.62 -8.02 3.46
N LYS A 208 -2.98 -9.03 4.26
CA LYS A 208 -3.66 -8.81 5.55
C LYS A 208 -2.64 -8.51 6.66
N VAL A 209 -2.38 -7.24 6.91
CA VAL A 209 -1.26 -6.82 7.78
C VAL A 209 -1.39 -7.37 9.20
N CYS A 210 -2.61 -7.60 9.65
CA CYS A 210 -2.78 -8.04 11.04
C CYS A 210 -2.08 -9.38 11.34
N ASN A 211 -1.89 -10.18 10.29
CA ASN A 211 -1.24 -11.48 10.41
C ASN A 211 0.30 -11.39 10.49
N TYR A 212 0.83 -10.19 10.26
CA TYR A 212 2.27 -9.98 10.16
C TYR A 212 2.86 -9.11 11.27
N VAL A 213 2.05 -8.71 12.22
CA VAL A 213 2.56 -7.75 13.21
C VAL A 213 3.70 -8.34 14.05
N SER A 214 3.54 -9.59 14.44
CA SER A 214 4.60 -10.25 15.19
C SER A 214 5.96 -10.27 14.41
N TRP A 215 5.91 -10.59 13.11
CA TRP A 215 7.14 -10.62 12.29
C TRP A 215 7.71 -9.23 12.09
N ILE A 216 6.85 -8.24 11.82
CA ILE A 216 7.32 -6.85 11.71
C ILE A 216 8.01 -6.41 13.00
N LYS A 217 7.36 -6.64 14.15
CA LYS A 217 7.93 -6.18 15.41
C LYS A 217 9.29 -6.83 15.73
N GLN A 218 9.34 -8.16 15.56
CA GLN A 218 10.58 -8.94 15.71
C GLN A 218 11.67 -8.43 14.83
N THR A 219 11.33 -8.16 13.57
CA THR A 219 12.33 -7.82 12.59
C THR A 219 12.90 -6.43 12.88
N ILE A 220 12.04 -5.47 13.20
CA ILE A 220 12.53 -4.11 13.43
C ILE A 220 13.26 -3.99 14.78
N ALA A 221 13.03 -4.98 15.66
CA ALA A 221 13.70 -5.00 16.97
C ALA A 221 15.15 -5.43 16.85
N SER A 222 15.50 -5.99 15.70
CA SER A 222 16.82 -6.56 15.51
C SER A 222 17.54 -6.10 14.27
N ASN A 223 17.06 -5.00 13.68
CA ASN A 223 17.67 -4.50 12.44
C ASN A 223 17.64 -2.97 12.37
CA CA B . 6.93 16.58 -4.69
N12 ANH C . -2.28 -6.11 -12.36
C13 ANH C . -2.75 -4.75 -12.55
C30 ANH C . -2.05 -3.92 -11.47
C14 ANH C . -2.35 -4.15 -13.85
O17 ANH C . -3.05 -3.30 -14.37
O15 ANH C . -1.12 -4.52 -14.52
C16 ANH C . 0.00 -5.16 -13.86
C21 ANH C . -2.62 -4.06 -10.08
C22 ANH C . -1.74 -4.19 -9.01
C23 ANH C . -2.24 -4.30 -7.71
C24 ANH C . -3.61 -4.25 -7.48
C25 ANH C . -4.50 -4.11 -8.54
C26 ANH C . -4.01 -4.02 -9.85
C27 ANH C . -5.98 -4.07 -8.29
N28 ANH C . -6.84 -3.99 -9.32
N29 ANH C . -6.45 -4.11 -7.04
C11 ANH C . -2.87 -7.08 -13.07
C10 ANH C . -2.41 -8.49 -12.89
N9 ANH C . -3.51 -9.32 -13.28
O20 ANH C . -3.82 -6.90 -13.83
C1 ANH C . 0.68 -14.29 -12.90
C2 ANH C . -0.36 -13.28 -13.34
C3 ANH C . -1.71 -13.52 -13.05
C4 ANH C . -2.66 -12.58 -13.45
C5 ANH C . -2.30 -11.41 -14.13
C6 ANH C . -0.93 -11.17 -14.39
C7 ANH C . 0.03 -12.10 -14.00
S8 ANH C . -3.45 -10.32 -14.55
O18 ANH C . -4.73 -10.92 -14.68
O19 ANH C . -3.06 -9.58 -15.70
C1 GOL D . 13.99 18.02 -1.94
O1 GOL D . 14.58 18.45 -3.15
C2 GOL D . 14.91 17.05 -1.24
O2 GOL D . 15.89 17.80 -0.52
C3 GOL D . 14.08 16.25 -0.23
O3 GOL D . 14.92 15.48 0.64
#